data_2WBH
#
_entry.id   2WBH
#
_cell.length_a   368.200
_cell.length_b   368.200
_cell.length_c   368.200
_cell.angle_alpha   90.00
_cell.angle_beta   90.00
_cell.angle_gamma   90.00
#
_symmetry.space_group_name_H-M   'P 21 3'
#
_entity_poly.entity_id   1
_entity_poly.type   'polypeptide(L)'
_entity_poly.pdbx_seq_one_letter_code
;ASNFTQFVLVDNGGTGDVTVAPSNFANGVAEWISSNSRSQAYKVTCSVRQSSAQNRKYTIKVEVPKVATQTVGGVELPVA
AWRSYLNMELTIPIFATNSDCELIVKAMQGLLKDGNPIPSAIAANSGIYANFTQFVLVDNGGTGDVTVAPSNFANGVAEW
ISSNSRSQAYKVTCSVRQSSAQNRKYTIKVEVPKVATQTVGGVELPVAAWRSYLNMELTIPIFATNSDCELIVKAMQGLL
KDGNPIPSAIAANSGIY
;
_entity_poly.pdbx_strand_id   A,B,C
#
# COMPACT_ATOMS: atom_id res chain seq x y z
N ALA A 1 -4.31 -2.54 13.63
CA ALA A 1 -4.54 -1.17 13.21
C ALA A 1 -4.04 -1.24 11.75
N SER A 2 -4.75 -0.47 10.95
CA SER A 2 -4.52 -0.15 9.56
C SER A 2 -5.62 0.87 9.57
N ASN A 3 -5.40 2.11 9.18
CA ASN A 3 -6.51 3.01 9.30
C ASN A 3 -7.24 2.98 8.00
N PHE A 4 -6.90 2.14 7.05
CA PHE A 4 -7.61 2.14 5.80
C PHE A 4 -8.87 1.28 5.95
N THR A 5 -9.88 1.79 6.61
CA THR A 5 -11.14 1.14 6.79
C THR A 5 -12.33 1.84 6.21
N GLN A 6 -13.46 1.15 6.19
CA GLN A 6 -14.72 1.68 5.68
C GLN A 6 -15.28 2.63 6.70
N PHE A 7 -16.06 3.63 6.31
CA PHE A 7 -16.67 4.50 7.28
C PHE A 7 -17.96 5.06 6.72
N VAL A 8 -18.81 5.67 7.55
CA VAL A 8 -20.04 6.14 6.97
C VAL A 8 -19.83 7.61 6.73
N LEU A 9 -20.03 7.95 5.45
CA LEU A 9 -19.84 9.29 4.98
C LEU A 9 -21.02 10.15 5.28
N VAL A 10 -22.22 9.65 5.09
CA VAL A 10 -23.42 10.45 5.26
C VAL A 10 -24.23 9.69 6.25
N ASP A 11 -24.43 10.23 7.42
CA ASP A 11 -25.23 9.53 8.38
C ASP A 11 -26.67 9.98 8.31
N ASN A 12 -27.51 9.18 7.67
CA ASN A 12 -28.93 9.49 7.65
C ASN A 12 -29.63 8.69 8.73
N GLY A 13 -29.04 8.72 9.92
CA GLY A 13 -29.57 8.06 11.10
C GLY A 13 -29.88 6.58 10.96
N GLY A 14 -28.91 5.74 10.59
CA GLY A 14 -29.15 4.29 10.41
C GLY A 14 -29.83 3.91 9.08
N THR A 15 -30.80 4.67 8.58
CA THR A 15 -31.54 4.34 7.37
C THR A 15 -31.18 5.15 6.11
N GLY A 16 -30.38 4.56 5.21
CA GLY A 16 -29.96 5.31 4.02
C GLY A 16 -28.68 6.07 4.26
N ASP A 17 -27.92 5.50 5.18
CA ASP A 17 -26.59 5.92 5.49
C ASP A 17 -25.73 5.70 4.27
N VAL A 18 -24.90 6.66 3.84
CA VAL A 18 -24.00 6.37 2.76
C VAL A 18 -22.70 6.00 3.45
N THR A 19 -22.24 4.82 3.12
CA THR A 19 -21.02 4.29 3.70
C THR A 19 -20.16 3.92 2.50
N VAL A 20 -18.87 4.15 2.75
CA VAL A 20 -17.84 4.17 1.74
C VAL A 20 -16.76 3.22 2.24
N ALA A 21 -16.16 2.49 1.33
CA ALA A 21 -15.24 1.43 1.71
C ALA A 21 -13.96 1.48 0.89
N PRO A 22 -12.84 1.00 1.42
CA PRO A 22 -11.54 1.02 0.76
C PRO A 22 -11.67 0.46 -0.64
N SER A 23 -11.18 1.11 -1.66
CA SER A 23 -11.24 0.55 -2.98
C SER A 23 -9.97 0.62 -3.80
N ASN A 24 -8.94 1.38 -3.48
CA ASN A 24 -7.74 1.41 -4.28
C ASN A 24 -6.67 2.13 -3.51
N PHE A 25 -5.41 1.82 -3.78
CA PHE A 25 -4.33 2.57 -3.17
C PHE A 25 -3.23 2.69 -4.21
N ALA A 26 -3.57 2.49 -5.47
CA ALA A 26 -2.57 2.58 -6.49
C ALA A 26 -2.07 3.99 -6.52
N ASN A 27 -0.76 4.09 -6.68
CA ASN A 27 -0.05 5.36 -6.76
C ASN A 27 -0.11 6.16 -5.49
N GLY A 28 -0.20 5.48 -4.34
CA GLY A 28 -0.22 6.18 -3.09
C GLY A 28 -1.45 7.05 -2.85
N VAL A 29 -2.54 6.82 -3.53
CA VAL A 29 -3.74 7.61 -3.27
C VAL A 29 -4.76 6.67 -2.69
N ALA A 30 -5.13 6.83 -1.43
CA ALA A 30 -6.10 5.93 -0.84
C ALA A 30 -7.45 6.38 -1.40
N GLU A 31 -8.26 5.44 -1.86
CA GLU A 31 -9.56 5.74 -2.42
C GLU A 31 -10.60 4.92 -1.71
N TRP A 32 -11.75 5.51 -1.45
CA TRP A 32 -12.87 4.79 -0.88
C TRP A 32 -14.05 5.02 -1.83
N ILE A 33 -14.87 4.07 -2.29
CA ILE A 33 -16.06 4.48 -2.99
C ILE A 33 -17.25 3.81 -2.34
N SER A 34 -18.47 4.27 -2.60
CA SER A 34 -19.65 3.67 -2.02
C SER A 34 -19.98 2.45 -2.88
N SER A 35 -20.95 1.69 -2.43
CA SER A 35 -21.27 0.47 -3.10
C SER A 35 -22.24 0.68 -4.26
N ASN A 36 -21.84 1.40 -5.29
CA ASN A 36 -22.69 1.64 -6.44
C ASN A 36 -21.85 1.27 -7.62
N SER A 37 -22.41 1.54 -8.79
CA SER A 37 -21.63 1.44 -9.98
C SER A 37 -20.72 2.62 -9.86
N ARG A 38 -19.63 2.47 -10.56
CA ARG A 38 -18.59 3.46 -10.57
C ARG A 38 -19.19 4.74 -11.16
N SER A 39 -20.26 4.69 -11.96
CA SER A 39 -20.87 5.92 -12.48
C SER A 39 -21.69 6.69 -11.44
N GLN A 40 -22.23 6.03 -10.43
CA GLN A 40 -23.05 6.72 -9.47
C GLN A 40 -22.43 6.75 -8.07
N ALA A 41 -21.17 6.40 -7.91
CA ALA A 41 -20.62 6.28 -6.59
C ALA A 41 -20.09 7.55 -5.94
N TYR A 42 -20.23 7.60 -4.63
CA TYR A 42 -19.58 8.62 -3.85
C TYR A 42 -18.12 8.24 -3.88
N LYS A 43 -17.16 9.16 -3.88
CA LYS A 43 -15.77 8.77 -3.91
C LYS A 43 -15.00 9.64 -2.91
N VAL A 44 -14.02 9.13 -2.20
CA VAL A 44 -13.23 9.92 -1.26
C VAL A 44 -11.80 9.54 -1.56
N THR A 45 -10.87 10.47 -1.68
CA THR A 45 -9.47 10.09 -1.88
C THR A 45 -8.66 10.94 -0.93
N CYS A 46 -7.49 10.41 -0.56
CA CYS A 46 -6.64 11.05 0.38
C CYS A 46 -5.17 10.73 0.06
N SER A 47 -4.27 11.74 0.08
CA SER A 47 -2.85 11.45 -0.07
C SER A 47 -2.07 12.50 0.69
N VAL A 48 -0.88 12.15 1.19
CA VAL A 48 -0.02 12.99 2.00
C VAL A 48 1.28 13.08 1.24
N ARG A 49 1.92 14.22 1.07
CA ARG A 49 3.21 14.23 0.45
C ARG A 49 4.02 15.21 1.27
N GLN A 50 5.35 15.07 1.36
CA GLN A 50 6.15 16.05 2.06
C GLN A 50 6.38 17.15 1.03
N SER A 51 5.58 18.22 1.04
CA SER A 51 5.60 19.25 0.02
C SER A 51 6.88 20.08 -0.01
N SER A 52 7.21 20.67 1.13
CA SER A 52 8.44 21.41 1.25
C SER A 52 9.31 20.45 2.01
N ALA A 53 10.45 21.01 2.39
CA ALA A 53 11.31 20.31 3.32
C ALA A 53 10.72 20.30 4.74
N GLN A 54 10.03 21.41 5.07
CA GLN A 54 9.47 21.56 6.38
C GLN A 54 7.97 21.44 6.42
N ASN A 55 7.29 20.92 5.41
CA ASN A 55 5.85 20.79 5.44
C ASN A 55 5.44 19.47 4.93
N ARG A 56 4.24 19.07 5.31
CA ARG A 56 3.60 17.92 4.72
C ARG A 56 2.23 18.43 4.32
N LYS A 57 1.69 17.87 3.25
CA LYS A 57 0.47 18.35 2.75
C LYS A 57 -0.46 17.22 2.48
N TYR A 58 -1.63 17.28 3.08
CA TYR A 58 -2.65 16.27 2.85
C TYR A 58 -3.57 16.80 1.79
N THR A 59 -4.01 16.02 0.82
CA THR A 59 -4.95 16.43 -0.19
C THR A 59 -6.12 15.43 -0.14
N ILE A 60 -7.30 15.92 0.24
CA ILE A 60 -8.46 15.11 0.44
C ILE A 60 -9.50 15.54 -0.56
N LYS A 61 -10.27 14.66 -1.23
CA LYS A 61 -11.30 15.07 -2.18
C LYS A 61 -12.51 14.22 -1.95
N VAL A 62 -13.71 14.79 -2.11
CA VAL A 62 -14.95 14.06 -1.94
C VAL A 62 -15.84 14.33 -3.15
N GLU A 63 -16.53 13.38 -3.77
CA GLU A 63 -17.46 13.65 -4.86
C GLU A 63 -18.80 13.19 -4.36
N VAL A 64 -19.80 14.05 -4.42
CA VAL A 64 -21.14 13.69 -4.00
C VAL A 64 -21.97 13.68 -5.28
N PRO A 65 -22.54 12.57 -5.75
CA PRO A 65 -23.29 12.48 -6.99
C PRO A 65 -24.77 12.73 -6.78
N LYS A 66 -25.44 13.26 -7.79
CA LYS A 66 -26.87 13.33 -7.78
C LYS A 66 -27.24 12.26 -8.79
N VAL A 67 -27.72 11.12 -8.33
CA VAL A 67 -28.02 10.03 -9.24
C VAL A 67 -29.27 10.21 -10.09
N ALA A 68 -29.21 9.59 -11.25
CA ALA A 68 -30.27 9.65 -12.21
C ALA A 68 -30.21 8.47 -13.14
N THR A 69 -31.18 8.28 -14.01
CA THR A 69 -31.16 7.18 -14.95
C THR A 69 -31.42 7.82 -16.28
N GLN A 70 -30.44 7.73 -17.13
CA GLN A 70 -30.55 8.39 -18.37
C GLN A 70 -30.84 7.44 -19.49
N THR A 71 -31.67 7.82 -20.47
CA THR A 71 -31.86 7.03 -21.66
C THR A 71 -30.92 7.47 -22.75
N VAL A 72 -29.99 6.61 -23.10
CA VAL A 72 -29.03 6.90 -24.17
C VAL A 72 -29.33 5.83 -25.21
N GLY A 73 -29.61 6.23 -26.46
CA GLY A 73 -29.88 5.27 -27.53
C GLY A 73 -31.06 4.34 -27.26
N GLY A 74 -32.02 4.79 -26.47
CA GLY A 74 -33.18 3.99 -26.20
C GLY A 74 -32.95 2.99 -25.11
N VAL A 75 -31.78 3.05 -24.47
CA VAL A 75 -31.36 2.14 -23.42
C VAL A 75 -31.18 2.97 -22.15
N GLU A 76 -31.60 2.50 -20.98
CA GLU A 76 -31.44 3.24 -19.76
C GLU A 76 -30.17 2.87 -19.01
N LEU A 77 -29.33 3.86 -18.73
CA LEU A 77 -28.11 3.70 -18.02
C LEU A 77 -28.08 4.42 -16.70
N PRO A 78 -27.54 3.83 -15.63
CA PRO A 78 -27.36 4.44 -14.33
C PRO A 78 -26.29 5.53 -14.43
N VAL A 79 -26.63 6.74 -14.03
CA VAL A 79 -25.78 7.87 -14.32
C VAL A 79 -25.77 8.85 -13.14
N ALA A 80 -24.88 9.83 -13.10
CA ALA A 80 -24.98 10.84 -12.06
C ALA A 80 -25.33 12.10 -12.84
N ALA A 81 -26.44 12.76 -12.51
CA ALA A 81 -26.84 13.96 -13.19
C ALA A 81 -25.86 15.12 -13.00
N TRP A 82 -25.16 15.15 -11.87
CA TRP A 82 -24.11 16.11 -11.57
C TRP A 82 -23.42 15.62 -10.32
N ARG A 83 -22.26 16.15 -10.04
CA ARG A 83 -21.52 15.80 -8.86
C ARG A 83 -21.10 17.09 -8.24
N SER A 84 -20.98 17.05 -6.96
CA SER A 84 -20.48 18.17 -6.24
C SER A 84 -19.08 17.76 -5.80
N TYR A 85 -18.13 18.70 -5.74
CA TYR A 85 -16.75 18.39 -5.46
C TYR A 85 -16.17 19.14 -4.32
N LEU A 86 -15.72 18.43 -3.30
CA LEU A 86 -15.07 19.06 -2.15
C LEU A 86 -13.65 18.76 -2.43
N ASN A 87 -12.85 19.76 -2.18
CA ASN A 87 -11.47 19.59 -2.49
C ASN A 87 -10.67 20.31 -1.42
N MET A 88 -9.91 19.63 -0.57
CA MET A 88 -9.24 20.35 0.47
C MET A 88 -7.81 19.98 0.61
N GLU A 89 -6.99 20.99 0.84
CA GLU A 89 -5.55 20.79 1.02
C GLU A 89 -5.15 21.26 2.39
N LEU A 90 -4.44 20.47 3.20
CA LEU A 90 -4.04 20.87 4.54
C LEU A 90 -2.54 20.85 4.61
N THR A 91 -1.84 21.96 4.87
CA THR A 91 -0.37 21.99 4.96
C THR A 91 0.04 22.11 6.41
N ILE A 92 0.77 21.16 6.98
CA ILE A 92 1.15 21.12 8.39
C ILE A 92 2.65 21.20 8.50
N PRO A 93 3.23 22.03 9.37
CA PRO A 93 4.67 22.09 9.54
C PRO A 93 5.19 20.77 10.11
N ILE A 94 6.42 20.35 9.83
CA ILE A 94 6.95 19.10 10.38
C ILE A 94 7.12 19.23 11.89
N PHE A 95 7.18 20.45 12.46
CA PHE A 95 7.41 20.65 13.87
C PHE A 95 6.16 20.42 14.70
N ALA A 96 5.01 20.13 14.08
CA ALA A 96 3.79 19.91 14.81
C ALA A 96 3.70 18.57 15.51
N THR A 97 3.48 18.68 16.80
CA THR A 97 3.22 17.54 17.67
C THR A 97 1.95 16.79 17.33
N ASN A 98 1.71 15.61 17.84
CA ASN A 98 0.42 14.97 17.65
C ASN A 98 -0.58 15.82 18.40
N SER A 99 -0.34 16.37 19.59
CA SER A 99 -1.34 17.26 20.20
C SER A 99 -1.61 18.50 19.33
N ASP A 100 -0.59 19.02 18.61
CA ASP A 100 -0.84 20.10 17.69
C ASP A 100 -1.73 19.62 16.56
N CYS A 101 -1.52 18.40 16.02
CA CYS A 101 -2.31 17.92 14.97
C CYS A 101 -3.73 17.70 15.46
N GLU A 102 -3.98 17.23 16.69
CA GLU A 102 -5.34 17.08 17.17
C GLU A 102 -6.12 18.37 17.19
N LEU A 103 -5.44 19.47 17.43
CA LEU A 103 -6.04 20.78 17.41
C LEU A 103 -6.56 21.09 16.03
N ILE A 104 -5.80 20.74 15.00
CA ILE A 104 -6.25 20.99 13.64
C ILE A 104 -7.51 20.19 13.38
N VAL A 105 -7.51 18.91 13.76
CA VAL A 105 -8.69 18.08 13.53
C VAL A 105 -9.90 18.63 14.30
N LYS A 106 -9.74 19.06 15.56
CA LYS A 106 -10.83 19.65 16.28
C LYS A 106 -11.30 20.93 15.62
N ALA A 107 -10.42 21.74 15.05
CA ALA A 107 -10.85 22.99 14.45
C ALA A 107 -11.65 22.69 13.21
N MET A 108 -11.22 21.68 12.45
CA MET A 108 -11.92 21.37 11.22
C MET A 108 -13.29 20.82 11.55
N GLN A 109 -13.44 20.03 12.63
CA GLN A 109 -14.79 19.56 12.85
C GLN A 109 -15.68 20.60 13.50
N GLY A 110 -15.13 21.52 14.29
CA GLY A 110 -15.88 22.63 14.84
C GLY A 110 -16.38 23.56 13.73
N LEU A 111 -15.58 23.80 12.73
CA LEU A 111 -15.94 24.59 11.56
C LEU A 111 -17.26 24.09 10.96
N LEU A 112 -17.43 22.78 10.82
CA LEU A 112 -18.62 22.25 10.15
C LEU A 112 -19.68 21.76 11.09
N LYS A 113 -19.58 21.97 12.37
CA LYS A 113 -20.62 21.50 13.27
C LYS A 113 -21.95 22.12 12.96
N ASP A 114 -22.99 21.34 13.10
CA ASP A 114 -24.34 21.82 12.90
C ASP A 114 -24.67 23.07 13.67
N GLY A 115 -25.19 24.02 12.94
CA GLY A 115 -25.54 25.26 13.58
C GLY A 115 -24.45 26.32 13.48
N ASN A 116 -23.16 26.01 13.21
CA ASN A 116 -22.20 27.09 13.10
C ASN A 116 -22.37 27.83 11.79
N PRO A 117 -21.82 29.03 11.58
CA PRO A 117 -22.13 29.80 10.38
C PRO A 117 -21.91 29.12 9.03
N ILE A 118 -20.73 28.54 8.75
CA ILE A 118 -20.48 28.00 7.44
C ILE A 118 -21.37 26.85 7.05
N PRO A 119 -21.62 25.80 7.82
CA PRO A 119 -22.54 24.77 7.42
C PRO A 119 -23.93 25.34 7.15
N SER A 120 -24.33 26.36 7.90
CA SER A 120 -25.65 26.96 7.71
C SER A 120 -25.79 27.67 6.41
N ALA A 121 -24.76 28.36 6.00
CA ALA A 121 -24.80 29.08 4.75
C ALA A 121 -24.90 28.12 3.60
N ILE A 122 -24.03 27.10 3.57
CA ILE A 122 -24.02 26.11 2.51
C ILE A 122 -25.39 25.46 2.38
N ALA A 123 -25.91 25.05 3.53
CA ALA A 123 -27.16 24.35 3.51
C ALA A 123 -28.33 25.19 3.09
N ALA A 124 -28.18 26.50 3.05
CA ALA A 124 -29.29 27.34 2.73
C ALA A 124 -29.09 27.95 1.38
N ASN A 125 -28.05 27.59 0.62
CA ASN A 125 -27.73 28.26 -0.63
C ASN A 125 -27.58 29.74 -0.35
N SER A 126 -26.94 30.09 0.76
CA SER A 126 -26.77 31.49 1.15
C SER A 126 -25.28 31.82 1.29
N GLY A 127 -24.93 33.11 1.31
CA GLY A 127 -23.57 33.51 1.61
C GLY A 127 -23.51 33.87 3.09
N ILE A 128 -22.45 34.46 3.64
CA ILE A 128 -22.49 34.80 5.05
C ILE A 128 -22.82 36.27 5.11
N TYR A 129 -23.64 36.67 6.05
CA TYR A 129 -24.00 38.06 6.23
C TYR A 129 -24.52 38.15 7.65
N ALA B 1 1.70 -14.50 7.39
CA ALA B 1 2.53 -13.43 7.93
C ALA B 1 1.68 -12.16 7.80
N SER B 2 2.33 -11.06 8.13
CA SER B 2 1.79 -9.70 8.13
C SER B 2 2.94 -9.14 8.95
N ASN B 3 3.85 -8.55 8.22
CA ASN B 3 5.04 -8.02 8.77
C ASN B 3 4.72 -6.68 9.40
N PHE B 4 3.79 -5.89 8.86
CA PHE B 4 3.74 -4.50 9.19
C PHE B 4 3.12 -4.17 10.53
N THR B 5 3.90 -4.37 11.57
CA THR B 5 3.48 -4.04 12.92
C THR B 5 4.44 -3.15 13.64
N GLN B 6 4.01 -2.75 14.80
CA GLN B 6 4.79 -1.96 15.69
C GLN B 6 5.94 -2.82 16.20
N PHE B 7 7.07 -2.20 16.54
CA PHE B 7 8.18 -2.89 17.14
C PHE B 7 9.00 -1.90 17.93
N VAL B 8 9.87 -2.41 18.77
CA VAL B 8 10.73 -1.59 19.61
C VAL B 8 12.00 -1.30 18.84
N LEU B 9 12.26 -0.05 18.55
CA LEU B 9 13.43 0.33 17.82
C LEU B 9 14.58 0.50 18.78
N VAL B 10 14.38 1.19 19.91
CA VAL B 10 15.46 1.40 20.86
C VAL B 10 14.99 0.71 22.11
N ASP B 11 15.72 -0.29 22.54
CA ASP B 11 15.37 -0.99 23.74
C ASP B 11 16.26 -0.49 24.83
N ASN B 12 15.68 0.37 25.63
CA ASN B 12 16.38 0.83 26.81
C ASN B 12 15.98 -0.04 28.00
N GLY B 13 15.67 -1.32 27.72
CA GLY B 13 15.31 -2.28 28.74
C GLY B 13 14.00 -2.03 29.48
N GLY B 14 12.86 -2.01 28.77
CA GLY B 14 11.55 -1.85 29.41
C GLY B 14 11.09 -0.41 29.66
N THR B 15 11.92 0.36 30.35
CA THR B 15 11.54 1.70 30.65
C THR B 15 12.38 2.68 29.81
N GLY B 16 11.65 3.45 28.98
CA GLY B 16 12.32 4.36 28.06
C GLY B 16 12.55 3.70 26.72
N ASP B 17 11.76 2.70 26.39
CA ASP B 17 11.92 2.06 25.11
C ASP B 17 11.33 2.95 24.02
N VAL B 18 11.79 2.88 22.77
CA VAL B 18 11.19 3.66 21.73
C VAL B 18 10.55 2.64 20.83
N THR B 19 9.27 2.80 20.70
CA THR B 19 8.46 1.95 19.86
C THR B 19 8.16 2.76 18.63
N VAL B 20 8.07 2.12 17.50
CA VAL B 20 7.85 2.82 16.27
C VAL B 20 6.65 2.08 15.72
N ALA B 21 5.65 2.75 15.18
CA ALA B 21 4.43 2.07 14.75
C ALA B 21 4.06 2.37 13.29
N PRO B 22 3.35 1.50 12.55
CA PRO B 22 3.00 1.73 11.17
C PRO B 22 2.37 3.08 10.99
N SER B 23 2.80 3.86 10.04
CA SER B 23 2.20 5.15 9.81
C SER B 23 1.97 5.46 8.34
N ASN B 24 2.48 4.78 7.33
CA ASN B 24 2.13 5.15 5.99
C ASN B 24 2.50 3.97 5.15
N PHE B 25 1.78 3.80 4.05
CA PHE B 25 2.07 2.70 3.14
C PHE B 25 1.87 3.11 1.70
N ALA B 26 1.91 4.41 1.49
CA ALA B 26 1.72 4.93 0.16
C ALA B 26 2.86 4.38 -0.67
N ASN B 27 2.51 3.87 -1.85
CA ASN B 27 3.38 3.26 -2.82
C ASN B 27 4.06 1.98 -2.42
N GLY B 28 3.42 1.25 -1.49
CA GLY B 28 4.00 0.03 -0.97
C GLY B 28 5.31 0.28 -0.17
N VAL B 29 5.64 1.52 0.22
CA VAL B 29 6.75 1.80 1.12
C VAL B 29 6.23 1.82 2.54
N ALA B 30 6.68 0.86 3.33
CA ALA B 30 6.17 0.76 4.68
C ALA B 30 6.84 1.83 5.47
N GLU B 31 6.12 2.66 6.21
CA GLU B 31 6.75 3.62 7.07
C GLU B 31 6.31 3.36 8.50
N TRP B 32 7.23 3.49 9.44
CA TRP B 32 6.92 3.41 10.86
C TRP B 32 7.41 4.70 11.51
N ILE B 33 6.70 5.27 12.47
CA ILE B 33 7.12 6.53 13.08
C ILE B 33 7.01 6.47 14.58
N SER B 34 7.78 7.21 15.37
CA SER B 34 7.49 7.18 16.80
C SER B 34 6.49 8.27 17.13
N SER B 35 6.02 8.30 18.35
CA SER B 35 5.04 9.25 18.83
C SER B 35 5.63 10.62 19.10
N ASN B 36 5.88 11.37 18.07
CA ASN B 36 6.55 12.66 18.21
C ASN B 36 6.16 13.46 17.00
N SER B 37 6.58 14.71 17.02
CA SER B 37 6.40 15.54 15.88
C SER B 37 7.29 14.96 14.80
N ARG B 38 6.92 15.18 13.55
CA ARG B 38 7.68 14.62 12.48
C ARG B 38 9.09 15.19 12.43
N SER B 39 9.35 16.32 13.11
CA SER B 39 10.69 16.87 13.09
C SER B 39 11.57 16.20 14.12
N GLN B 40 10.98 15.57 15.15
CA GLN B 40 11.74 14.91 16.22
C GLN B 40 11.53 13.39 16.27
N ALA B 41 10.76 12.78 15.36
CA ALA B 41 10.44 11.38 15.41
C ALA B 41 11.59 10.45 15.05
N TYR B 42 11.55 9.21 15.52
CA TYR B 42 12.45 8.20 15.00
C TYR B 42 11.62 7.74 13.81
N LYS B 43 12.17 7.61 12.63
CA LYS B 43 11.38 7.18 11.50
C LYS B 43 12.08 6.04 10.77
N VAL B 44 11.39 5.02 10.29
CA VAL B 44 11.99 3.88 9.64
C VAL B 44 11.26 3.67 8.33
N THR B 45 11.83 3.46 7.15
CA THR B 45 11.01 3.06 6.01
C THR B 45 11.66 1.85 5.36
N CYS B 46 10.93 1.04 4.63
CA CYS B 46 11.50 -0.12 3.99
C CYS B 46 10.76 -0.42 2.69
N SER B 47 11.46 -0.73 1.58
CA SER B 47 10.78 -1.19 0.36
C SER B 47 11.71 -2.15 -0.39
N VAL B 48 11.22 -2.91 -1.38
CA VAL B 48 11.97 -3.96 -2.06
C VAL B 48 11.56 -3.89 -3.51
N ARG B 49 12.48 -4.05 -4.43
CA ARG B 49 12.07 -4.13 -5.80
C ARG B 49 13.14 -4.94 -6.49
N GLN B 50 12.79 -5.41 -7.67
CA GLN B 50 13.77 -6.16 -8.43
C GLN B 50 14.66 -5.10 -9.05
N SER B 51 15.90 -4.93 -8.66
CA SER B 51 16.69 -3.84 -9.19
C SER B 51 17.25 -4.14 -10.56
N SER B 52 17.63 -5.37 -10.85
CA SER B 52 18.14 -5.67 -12.15
C SER B 52 17.51 -7.00 -12.48
N ALA B 53 17.92 -7.58 -13.58
CA ALA B 53 17.35 -8.87 -13.95
C ALA B 53 17.83 -9.97 -13.04
N GLN B 54 18.91 -9.69 -12.35
CA GLN B 54 19.55 -10.69 -11.53
C GLN B 54 19.45 -10.43 -10.02
N ASN B 55 18.95 -9.27 -9.62
CA ASN B 55 19.00 -8.84 -8.25
C ASN B 55 17.76 -8.23 -7.70
N ARG B 56 17.51 -8.32 -6.39
CA ARG B 56 16.49 -7.48 -5.78
C ARG B 56 17.18 -6.56 -4.80
N LYS B 57 16.66 -5.38 -4.50
CA LYS B 57 17.27 -4.54 -3.51
C LYS B 57 16.27 -4.19 -2.47
N TYR B 58 16.61 -4.33 -1.20
CA TYR B 58 15.80 -3.80 -0.13
C TYR B 58 16.35 -2.41 0.10
N THR B 59 15.59 -1.33 0.16
CA THR B 59 16.13 -0.04 0.57
C THR B 59 15.50 0.27 1.93
N ILE B 60 16.32 0.48 2.94
CA ILE B 60 15.87 0.71 4.30
C ILE B 60 16.40 2.05 4.76
N LYS B 61 15.59 2.96 5.28
CA LYS B 61 16.13 4.21 5.74
C LYS B 61 15.71 4.45 7.18
N VAL B 62 16.58 5.04 8.00
CA VAL B 62 16.23 5.32 9.38
C VAL B 62 16.60 6.76 9.63
N GLU B 63 15.84 7.53 10.40
CA GLU B 63 16.19 8.87 10.80
C GLU B 63 16.16 8.81 12.32
N VAL B 64 17.17 9.35 13.03
CA VAL B 64 17.23 9.30 14.49
C VAL B 64 17.40 10.71 15.04
N PRO B 65 16.63 11.20 16.02
CA PRO B 65 16.70 12.57 16.55
C PRO B 65 17.95 12.81 17.38
N LYS B 66 18.57 14.00 17.32
CA LYS B 66 19.64 14.34 18.25
C LYS B 66 18.82 14.63 19.50
N VAL B 67 19.10 13.91 20.57
CA VAL B 67 18.30 14.05 21.79
C VAL B 67 18.95 14.93 22.87
N ALA B 68 20.28 14.97 23.05
CA ALA B 68 20.89 15.83 24.02
C ALA B 68 20.58 17.27 23.71
N THR B 69 20.02 17.96 24.72
CA THR B 69 19.54 19.34 24.72
C THR B 69 18.32 19.57 23.84
N GLN B 70 17.62 18.50 23.48
CA GLN B 70 16.39 18.57 22.71
C GLN B 70 15.33 19.39 23.45
N THR B 71 14.43 20.15 22.81
CA THR B 71 13.31 20.75 23.47
C THR B 71 12.13 20.03 22.86
N VAL B 72 11.43 19.22 23.63
CA VAL B 72 10.40 18.35 23.11
C VAL B 72 9.26 19.18 22.60
N GLY B 73 8.99 19.01 21.32
CA GLY B 73 7.91 19.70 20.67
C GLY B 73 8.37 21.06 20.21
N GLY B 74 9.62 21.42 20.43
CA GLY B 74 10.09 22.74 20.06
C GLY B 74 10.39 22.79 18.58
N VAL B 75 10.55 23.99 18.03
CA VAL B 75 10.96 24.17 16.66
C VAL B 75 12.48 24.23 16.75
N GLU B 76 13.22 23.21 16.29
CA GLU B 76 14.66 23.19 16.32
C GLU B 76 15.24 23.31 14.93
N LEU B 77 15.95 24.38 14.69
CA LEU B 77 16.55 24.63 13.38
C LEU B 77 18.06 24.81 13.60
N PRO B 78 18.92 24.57 12.63
CA PRO B 78 18.65 23.89 11.38
C PRO B 78 18.39 22.42 11.58
N VAL B 79 17.51 21.89 10.74
CA VAL B 79 17.11 20.50 10.79
C VAL B 79 18.28 19.57 10.75
N ALA B 80 19.29 19.94 9.98
CA ALA B 80 20.43 19.08 9.85
C ALA B 80 21.33 18.99 11.07
N ALA B 81 21.17 19.92 12.01
CA ALA B 81 21.99 19.84 13.20
C ALA B 81 21.31 18.91 14.13
N TRP B 82 20.07 18.54 13.87
CA TRP B 82 19.33 17.82 14.86
C TRP B 82 18.93 16.43 14.42
N ARG B 83 19.45 15.90 13.30
CA ARG B 83 19.07 14.59 12.77
C ARG B 83 20.16 13.72 12.19
N SER B 84 20.16 12.41 12.42
CA SER B 84 21.10 11.54 11.77
C SER B 84 20.34 10.70 10.77
N TYR B 85 20.97 10.33 9.67
CA TYR B 85 20.27 9.64 8.63
C TYR B 85 20.99 8.37 8.26
N LEU B 86 20.32 7.23 8.30
CA LEU B 86 20.90 5.96 7.95
C LEU B 86 20.21 5.56 6.67
N ASN B 87 21.00 4.93 5.83
CA ASN B 87 20.55 4.53 4.51
C ASN B 87 21.12 3.17 4.13
N MET B 88 20.37 2.08 4.08
CA MET B 88 20.96 0.81 3.83
C MET B 88 20.36 0.32 2.53
N GLU B 89 21.17 -0.24 1.66
CA GLU B 89 20.70 -0.88 0.48
C GLU B 89 21.24 -2.30 0.51
N LEU B 90 20.37 -3.29 0.40
CA LEU B 90 20.77 -4.65 0.45
C LEU B 90 20.43 -5.24 -0.89
N THR B 91 21.42 -5.69 -1.61
CA THR B 91 21.22 -6.28 -2.91
C THR B 91 21.36 -7.77 -2.76
N ILE B 92 20.35 -8.56 -3.11
CA ILE B 92 20.41 -9.99 -2.94
C ILE B 92 20.13 -10.62 -4.30
N PRO B 93 20.98 -11.50 -4.85
CA PRO B 93 20.78 -12.19 -6.11
C PRO B 93 19.50 -12.96 -6.10
N ILE B 94 18.82 -13.04 -7.25
CA ILE B 94 17.59 -13.80 -7.31
C ILE B 94 17.79 -15.28 -7.00
N PHE B 95 19.01 -15.82 -6.96
CA PHE B 95 19.19 -17.22 -6.65
C PHE B 95 19.13 -17.50 -5.16
N ALA B 96 19.15 -16.47 -4.30
CA ALA B 96 19.25 -16.73 -2.88
C ALA B 96 18.00 -17.35 -2.35
N THR B 97 18.16 -18.50 -1.71
CA THR B 97 17.05 -19.15 -1.07
C THR B 97 16.71 -18.44 0.23
N ASN B 98 15.73 -18.92 0.97
CA ASN B 98 15.42 -18.32 2.23
C ASN B 98 16.57 -18.54 3.19
N SER B 99 17.21 -19.70 3.16
CA SER B 99 18.35 -19.98 4.03
C SER B 99 19.45 -19.01 3.75
N ASP B 100 19.72 -18.75 2.48
CA ASP B 100 20.69 -17.75 2.15
C ASP B 100 20.27 -16.42 2.81
N CYS B 101 18.97 -15.99 2.67
CA CYS B 101 18.59 -14.74 3.19
C CYS B 101 18.71 -14.77 4.73
N GLU B 102 18.52 -15.87 5.40
CA GLU B 102 18.72 -15.95 6.84
C GLU B 102 20.14 -15.62 7.22
N LEU B 103 21.08 -16.12 6.46
CA LEU B 103 22.47 -15.89 6.72
C LEU B 103 22.85 -14.45 6.50
N ILE B 104 22.27 -13.82 5.48
CA ILE B 104 22.53 -12.42 5.20
C ILE B 104 22.05 -11.60 6.39
N VAL B 105 20.91 -11.98 6.95
CA VAL B 105 20.40 -11.28 8.11
C VAL B 105 21.35 -11.46 9.28
N LYS B 106 21.89 -12.68 9.46
CA LYS B 106 22.79 -12.88 10.56
C LYS B 106 24.04 -12.09 10.36
N ALA B 107 24.55 -11.97 9.13
CA ALA B 107 25.77 -11.20 8.88
C ALA B 107 25.48 -9.75 9.26
N MET B 108 24.29 -9.26 8.91
CA MET B 108 23.93 -7.89 9.20
C MET B 108 23.84 -7.66 10.68
N GLN B 109 23.27 -8.59 11.43
CA GLN B 109 23.21 -8.33 12.85
C GLN B 109 24.53 -8.60 13.57
N GLY B 110 25.42 -9.39 12.99
CA GLY B 110 26.74 -9.59 13.58
C GLY B 110 27.55 -8.32 13.49
N LEU B 111 27.49 -7.66 12.33
CA LEU B 111 28.17 -6.41 12.08
C LEU B 111 27.91 -5.40 13.17
N LEU B 112 26.68 -5.39 13.65
CA LEU B 112 26.26 -4.41 14.62
C LEU B 112 26.16 -4.89 16.03
N LYS B 113 26.50 -6.11 16.37
CA LYS B 113 26.43 -6.55 17.76
C LYS B 113 27.29 -5.69 18.67
N ASP B 114 26.87 -5.47 19.91
CA ASP B 114 27.69 -4.73 20.84
C ASP B 114 29.01 -5.36 21.05
N GLY B 115 29.96 -4.46 21.15
CA GLY B 115 31.31 -4.90 21.31
C GLY B 115 32.01 -5.00 19.98
N ASN B 116 31.37 -5.25 18.86
CA ASN B 116 32.10 -5.37 17.63
C ASN B 116 32.57 -4.01 17.15
N PRO B 117 33.65 -3.89 16.41
CA PRO B 117 34.26 -2.62 16.11
C PRO B 117 33.42 -1.52 15.49
N ILE B 118 32.62 -1.80 14.46
CA ILE B 118 31.81 -0.78 13.80
C ILE B 118 30.86 -0.17 14.82
N PRO B 119 30.01 -0.84 15.62
CA PRO B 119 29.12 -0.15 16.52
C PRO B 119 29.89 0.60 17.57
N SER B 120 31.03 0.08 17.99
CA SER B 120 31.70 0.81 19.03
C SER B 120 32.50 1.97 18.50
N ALA B 121 32.76 2.06 17.21
CA ALA B 121 33.46 3.24 16.70
C ALA B 121 32.41 4.35 16.67
N ILE B 122 31.22 4.00 16.13
CA ILE B 122 30.14 4.96 15.93
C ILE B 122 29.76 5.57 17.25
N ALA B 123 29.56 4.71 18.24
CA ALA B 123 29.10 5.17 19.53
C ALA B 123 30.14 6.00 20.25
N ALA B 124 31.39 5.86 19.89
CA ALA B 124 32.42 6.61 20.59
C ALA B 124 32.82 7.77 19.76
N ASN B 125 32.05 8.10 18.72
CA ASN B 125 32.32 9.24 17.87
C ASN B 125 33.67 9.05 17.22
N SER B 126 34.04 7.86 16.77
CA SER B 126 35.39 7.59 16.28
C SER B 126 35.45 6.92 14.94
N GLY B 127 36.66 6.85 14.42
CA GLY B 127 36.92 6.08 13.23
C GLY B 127 37.53 4.77 13.71
N ILE B 128 38.19 4.08 12.81
CA ILE B 128 38.88 2.86 13.16
C ILE B 128 40.32 3.25 13.44
N TYR B 129 40.96 2.61 14.42
CA TYR B 129 42.32 2.92 14.79
C TYR B 129 42.90 1.74 15.57
N ALA C 1 -8.03 -2.29 6.64
CA ALA C 1 -8.64 -3.07 5.57
C ALA C 1 -7.52 -3.14 4.51
N SER C 2 -7.33 -4.25 3.82
CA SER C 2 -6.31 -4.38 2.79
C SER C 2 -6.63 -5.62 2.03
N ASN C 3 -6.45 -5.61 0.73
CA ASN C 3 -6.58 -6.83 -0.06
C ASN C 3 -5.19 -7.05 -0.61
N PHE C 4 -4.17 -6.20 -0.35
CA PHE C 4 -2.83 -6.57 -0.78
C PHE C 4 -2.22 -7.49 0.27
N THR C 5 -2.58 -8.78 0.26
CA THR C 5 -2.04 -9.73 1.20
C THR C 5 -1.62 -11.03 0.60
N GLN C 6 -1.10 -11.88 1.47
CA GLN C 6 -0.71 -13.19 1.07
C GLN C 6 -1.92 -14.00 0.77
N PHE C 7 -1.81 -14.90 -0.19
CA PHE C 7 -2.90 -15.81 -0.50
C PHE C 7 -2.41 -17.09 -1.18
N VAL C 8 -3.24 -18.12 -1.25
CA VAL C 8 -2.84 -19.39 -1.82
C VAL C 8 -3.18 -19.38 -3.28
N LEU C 9 -2.15 -19.48 -4.10
CA LEU C 9 -2.30 -19.57 -5.50
C LEU C 9 -2.57 -21.00 -5.89
N VAL C 10 -1.93 -22.02 -5.31
CA VAL C 10 -2.21 -23.39 -5.72
C VAL C 10 -2.65 -24.19 -4.51
N ASP C 11 -3.89 -24.66 -4.15
CA ASP C 11 -4.07 -25.56 -3.00
C ASP C 11 -3.84 -26.85 -3.69
N ASN C 12 -2.73 -27.37 -3.28
CA ASN C 12 -2.28 -28.61 -3.84
C ASN C 12 -2.20 -29.40 -2.58
N GLY C 13 -3.42 -29.81 -2.27
CA GLY C 13 -3.72 -30.48 -1.02
C GLY C 13 -3.84 -29.38 0.02
N GLY C 14 -3.21 -29.62 1.17
CA GLY C 14 -3.14 -28.63 2.24
C GLY C 14 -1.68 -28.51 2.70
N THR C 15 -0.77 -29.08 1.90
CA THR C 15 0.65 -29.16 2.23
C THR C 15 1.55 -28.57 1.16
N GLY C 16 1.59 -29.17 -0.06
CA GLY C 16 2.37 -28.60 -1.16
C GLY C 16 1.68 -27.37 -1.77
N ASP C 17 1.06 -26.52 -0.95
CA ASP C 17 0.32 -25.35 -1.36
C ASP C 17 1.24 -24.26 -1.79
N VAL C 18 0.91 -23.54 -2.85
CA VAL C 18 1.80 -22.47 -3.21
C VAL C 18 1.08 -21.20 -2.83
N THR C 19 1.83 -20.44 -2.03
CA THR C 19 1.40 -19.18 -1.49
C THR C 19 2.22 -18.07 -2.05
N VAL C 20 1.55 -16.97 -2.32
CA VAL C 20 2.20 -15.83 -2.89
C VAL C 20 1.99 -14.69 -1.90
N ALA C 21 3.03 -13.94 -1.61
CA ALA C 21 3.00 -12.91 -0.60
C ALA C 21 3.32 -11.56 -1.20
N PRO C 22 2.77 -10.44 -0.76
CA PRO C 22 3.00 -9.12 -1.35
C PRO C 22 4.46 -8.79 -1.48
N SER C 23 4.89 -8.27 -2.60
CA SER C 23 6.28 -7.92 -2.75
C SER C 23 6.50 -6.47 -3.08
N ASN C 24 5.73 -5.84 -3.94
CA ASN C 24 6.08 -4.50 -4.37
C ASN C 24 4.80 -3.87 -4.88
N PHE C 25 4.51 -2.58 -4.73
CA PHE C 25 3.30 -2.01 -5.29
C PHE C 25 3.72 -0.70 -5.91
N ALA C 26 4.75 -0.71 -6.73
CA ALA C 26 5.22 0.50 -7.32
C ALA C 26 4.41 0.86 -8.55
N ASN C 27 4.07 2.13 -8.75
CA ASN C 27 3.38 2.57 -9.95
C ASN C 27 2.04 1.93 -10.25
N GLY C 28 1.31 1.66 -9.19
CA GLY C 28 0.01 1.10 -9.38
C GLY C 28 0.02 -0.34 -9.83
N VAL C 29 1.13 -1.06 -9.68
CA VAL C 29 1.14 -2.47 -10.05
C VAL C 29 1.42 -3.28 -8.80
N ALA C 30 0.41 -4.02 -8.34
CA ALA C 30 0.57 -4.83 -7.16
C ALA C 30 1.25 -6.07 -7.64
N GLU C 31 2.29 -6.49 -6.96
CA GLU C 31 3.01 -7.70 -7.29
C GLU C 31 3.09 -8.62 -6.10
N TRP C 32 2.85 -9.93 -6.25
CA TRP C 32 3.02 -10.91 -5.19
C TRP C 32 4.03 -11.95 -5.73
N ILE C 33 4.88 -12.56 -4.90
CA ILE C 33 5.93 -13.50 -5.30
C ILE C 33 5.97 -14.62 -4.25
N SER C 34 6.12 -15.91 -4.59
CA SER C 34 6.24 -16.93 -3.58
C SER C 34 7.62 -16.90 -2.96
N SER C 35 7.80 -17.62 -1.86
CA SER C 35 9.06 -17.58 -1.14
C SER C 35 10.19 -18.43 -1.72
N ASN C 36 11.38 -18.34 -1.14
CA ASN C 36 12.62 -18.90 -1.63
C ASN C 36 13.12 -18.22 -2.88
N SER C 37 14.03 -18.78 -3.67
CA SER C 37 14.72 -18.02 -4.68
C SER C 37 13.78 -17.41 -5.65
N ARG C 38 13.95 -16.10 -5.86
CA ARG C 38 13.13 -15.37 -6.80
C ARG C 38 13.23 -16.08 -8.14
N SER C 39 14.38 -16.69 -8.48
CA SER C 39 14.52 -17.39 -9.73
C SER C 39 13.53 -18.52 -9.89
N GLN C 40 13.06 -19.17 -8.83
CA GLN C 40 12.08 -20.25 -8.97
C GLN C 40 10.69 -19.86 -8.48
N ALA C 41 10.42 -18.57 -8.38
CA ALA C 41 9.23 -18.13 -7.72
C ALA C 41 8.05 -17.96 -8.64
N TYR C 42 6.85 -18.18 -8.12
CA TYR C 42 5.64 -17.85 -8.83
C TYR C 42 5.48 -16.36 -8.69
N LYS C 43 4.86 -15.71 -9.66
CA LYS C 43 4.64 -14.29 -9.63
C LYS C 43 3.25 -13.95 -10.12
N VAL C 44 2.58 -12.99 -9.48
CA VAL C 44 1.24 -12.58 -9.85
C VAL C 44 1.28 -11.08 -9.86
N THR C 45 0.75 -10.36 -10.84
CA THR C 45 0.67 -8.92 -10.69
C THR C 45 -0.74 -8.51 -11.08
N CYS C 46 -1.17 -7.31 -10.71
CA CYS C 46 -2.50 -6.86 -11.02
C CYS C 46 -2.47 -5.35 -11.02
N SER C 47 -3.14 -4.71 -11.98
CA SER C 47 -3.22 -3.27 -12.03
C SER C 47 -4.55 -2.91 -12.68
N VAL C 48 -5.14 -1.78 -12.36
CA VAL C 48 -6.44 -1.39 -12.87
C VAL C 48 -6.28 0.01 -13.33
N ARG C 49 -6.87 0.36 -14.45
CA ARG C 49 -6.71 1.70 -14.93
C ARG C 49 -7.92 2.05 -15.77
N GLN C 50 -8.25 3.33 -15.92
CA GLN C 50 -9.41 3.76 -16.66
C GLN C 50 -8.95 3.76 -18.09
N SER C 51 -9.34 2.76 -18.86
CA SER C 51 -8.80 2.63 -20.18
C SER C 51 -9.44 3.64 -21.09
N SER C 52 -10.70 3.94 -20.87
CA SER C 52 -11.35 4.92 -21.71
C SER C 52 -12.22 5.66 -20.73
N ALA C 53 -13.00 6.59 -21.29
CA ALA C 53 -13.90 7.39 -20.49
C ALA C 53 -14.94 6.56 -19.78
N GLN C 54 -15.31 5.50 -20.48
CA GLN C 54 -16.32 4.61 -19.97
C GLN C 54 -15.80 3.32 -19.42
N ASN C 55 -14.51 3.05 -19.41
CA ASN C 55 -14.05 1.74 -19.02
C ASN C 55 -12.91 1.72 -18.14
N ARG C 56 -12.95 0.76 -17.25
CA ARG C 56 -11.79 0.50 -16.44
C ARG C 56 -11.28 -0.82 -16.97
N LYS C 57 -9.99 -1.08 -16.89
CA LYS C 57 -9.43 -2.28 -17.42
C LYS C 57 -8.44 -2.83 -16.43
N TYR C 58 -8.70 -4.02 -15.93
CA TYR C 58 -7.77 -4.74 -15.07
C TYR C 58 -6.77 -5.49 -15.92
N THR C 59 -5.48 -5.50 -15.59
CA THR C 59 -4.55 -6.40 -16.25
C THR C 59 -3.99 -7.32 -15.18
N ILE C 60 -4.18 -8.62 -15.21
CA ILE C 60 -3.73 -9.56 -14.21
C ILE C 60 -2.67 -10.45 -14.93
N LYS C 61 -1.54 -10.85 -14.32
CA LYS C 61 -0.56 -11.73 -14.95
C LYS C 61 -0.03 -12.71 -13.96
N VAL C 62 0.17 -13.95 -14.36
CA VAL C 62 0.63 -15.01 -13.47
C VAL C 62 1.77 -15.71 -14.21
N GLU C 63 2.83 -16.16 -13.52
CA GLU C 63 3.93 -16.89 -14.13
C GLU C 63 4.06 -18.16 -13.32
N VAL C 64 4.13 -19.34 -13.96
CA VAL C 64 4.26 -20.60 -13.25
C VAL C 64 5.59 -21.23 -13.67
N PRO C 65 6.53 -21.40 -12.76
CA PRO C 65 7.86 -21.87 -13.08
C PRO C 65 7.93 -23.37 -13.06
N LYS C 66 8.81 -23.94 -13.87
CA LYS C 66 9.13 -25.33 -13.73
C LYS C 66 10.46 -25.25 -12.99
N VAL C 67 10.50 -25.75 -11.78
CA VAL C 67 11.68 -25.68 -10.93
C VAL C 67 12.78 -26.60 -11.41
N ALA C 68 14.02 -26.18 -11.40
CA ALA C 68 15.11 -27.01 -11.87
C ALA C 68 16.44 -26.46 -11.39
N THR C 69 17.51 -27.22 -11.59
CA THR C 69 18.84 -26.80 -11.22
C THR C 69 19.66 -26.68 -12.46
N GLN C 70 20.31 -25.55 -12.67
CA GLN C 70 21.17 -25.39 -13.79
C GLN C 70 22.53 -25.72 -13.27
N THR C 71 23.27 -26.56 -13.96
CA THR C 71 24.63 -26.83 -13.56
C THR C 71 25.51 -26.47 -14.72
N VAL C 72 26.36 -25.50 -14.51
CA VAL C 72 27.28 -25.06 -15.53
C VAL C 72 28.63 -24.94 -14.84
N GLY C 73 29.61 -25.59 -15.45
CA GLY C 73 30.96 -25.62 -14.92
C GLY C 73 31.03 -26.17 -13.51
N GLY C 74 30.12 -27.04 -13.08
CA GLY C 74 30.17 -27.55 -11.72
C GLY C 74 29.49 -26.65 -10.70
N VAL C 75 29.04 -25.48 -11.14
CA VAL C 75 28.36 -24.54 -10.28
C VAL C 75 26.90 -24.82 -10.48
N GLU C 76 26.15 -25.11 -9.44
CA GLU C 76 24.72 -25.28 -9.61
C GLU C 76 23.92 -24.11 -9.10
N LEU C 77 22.93 -23.70 -9.88
CA LEU C 77 22.07 -22.60 -9.51
C LEU C 77 20.66 -23.10 -9.56
N PRO C 78 19.82 -22.69 -8.62
CA PRO C 78 18.38 -22.94 -8.65
C PRO C 78 17.78 -22.05 -9.72
N VAL C 79 17.21 -22.64 -10.73
CA VAL C 79 16.60 -21.86 -11.80
C VAL C 79 15.20 -22.35 -12.10
N ALA C 80 14.49 -21.62 -12.95
CA ALA C 80 13.25 -22.12 -13.49
C ALA C 80 13.64 -22.66 -14.86
N ALA C 81 13.42 -23.94 -15.16
CA ALA C 81 13.75 -24.50 -16.44
C ALA C 81 12.98 -23.77 -17.54
N TRP C 82 11.73 -23.36 -17.29
CA TRP C 82 10.91 -22.56 -18.18
C TRP C 82 9.72 -22.04 -17.36
N ARG C 83 8.92 -21.11 -17.87
CA ARG C 83 7.78 -20.57 -17.19
C ARG C 83 6.54 -20.59 -18.08
N SER C 84 5.32 -20.92 -17.63
CA SER C 84 4.12 -20.62 -18.45
C SER C 84 3.69 -19.26 -17.98
N TYR C 85 3.12 -18.52 -18.91
CA TYR C 85 2.74 -17.16 -18.68
C TYR C 85 1.26 -16.95 -18.93
N LEU C 86 0.48 -16.66 -17.91
CA LEU C 86 -0.91 -16.31 -18.10
C LEU C 86 -1.00 -14.80 -18.12
N ASN C 87 -1.71 -14.27 -19.09
CA ASN C 87 -1.92 -12.85 -19.07
C ASN C 87 -3.39 -12.48 -19.39
N MET C 88 -4.13 -11.78 -18.52
CA MET C 88 -5.51 -11.49 -18.77
C MET C 88 -5.88 -10.08 -18.60
N GLU C 89 -6.78 -9.60 -19.46
CA GLU C 89 -7.26 -8.24 -19.43
C GLU C 89 -8.76 -8.27 -19.32
N LEU C 90 -9.33 -7.61 -18.31
CA LEU C 90 -10.75 -7.59 -18.10
C LEU C 90 -11.21 -6.15 -18.19
N THR C 91 -12.07 -5.82 -19.13
CA THR C 91 -12.58 -4.44 -19.33
C THR C 91 -13.97 -4.33 -18.74
N ILE C 92 -14.25 -3.40 -17.83
CA ILE C 92 -15.59 -3.28 -17.28
C ILE C 92 -16.07 -1.84 -17.41
N PRO C 93 -17.23 -1.58 -18.03
CA PRO C 93 -17.80 -0.25 -18.25
C PRO C 93 -18.10 0.38 -16.90
N ILE C 94 -18.01 1.70 -16.73
CA ILE C 94 -18.23 2.32 -15.43
C ILE C 94 -19.67 2.21 -14.94
N PHE C 95 -20.59 1.79 -15.81
CA PHE C 95 -21.96 1.61 -15.42
C PHE C 95 -22.14 0.32 -14.63
N ALA C 96 -21.15 -0.57 -14.48
CA ALA C 96 -21.43 -1.79 -13.76
C ALA C 96 -21.53 -1.55 -12.29
N THR C 97 -22.61 -2.03 -11.75
CA THR C 97 -22.77 -1.98 -10.34
C THR C 97 -21.97 -3.12 -9.74
N ASN C 98 -21.94 -3.20 -8.41
CA ASN C 98 -21.22 -4.27 -7.73
C ASN C 98 -21.83 -5.59 -8.10
N SER C 99 -23.14 -5.70 -8.29
CA SER C 99 -23.74 -6.99 -8.64
C SER C 99 -23.28 -7.44 -10.00
N ASP C 100 -23.18 -6.53 -10.96
CA ASP C 100 -22.69 -6.91 -12.27
C ASP C 100 -21.25 -7.40 -12.13
N CYS C 101 -20.40 -6.76 -11.28
CA CYS C 101 -19.06 -7.22 -11.09
C CYS C 101 -19.04 -8.60 -10.50
N GLU C 102 -19.93 -8.93 -9.56
CA GLU C 102 -19.97 -10.28 -9.00
C GLU C 102 -20.27 -11.30 -10.04
N LEU C 103 -21.13 -10.95 -10.98
CA LEU C 103 -21.49 -11.87 -12.02
C LEU C 103 -20.32 -12.11 -12.93
N ILE C 104 -19.58 -11.04 -13.27
CA ILE C 104 -18.39 -11.15 -14.10
C ILE C 104 -17.44 -12.10 -13.41
N VAL C 105 -17.28 -11.97 -12.10
CA VAL C 105 -16.40 -12.89 -11.38
C VAL C 105 -16.98 -14.28 -11.46
N LYS C 106 -18.26 -14.54 -11.25
CA LYS C 106 -18.77 -15.90 -11.37
C LYS C 106 -18.57 -16.47 -12.78
N ALA C 107 -18.58 -15.65 -13.83
CA ALA C 107 -18.39 -16.15 -15.17
C ALA C 107 -16.96 -16.62 -15.30
N MET C 108 -16.04 -15.86 -14.73
CA MET C 108 -14.62 -16.19 -14.80
C MET C 108 -14.32 -17.49 -14.09
N GLN C 109 -14.92 -17.66 -12.90
CA GLN C 109 -14.62 -18.90 -12.19
C GLN C 109 -15.38 -20.08 -12.76
N GLY C 110 -16.53 -19.86 -13.40
CA GLY C 110 -17.24 -20.94 -14.10
C GLY C 110 -16.41 -21.39 -15.28
N LEU C 111 -15.85 -20.47 -16.05
CA LEU C 111 -15.01 -20.78 -17.17
C LEU C 111 -13.91 -21.74 -16.76
N LEU C 112 -13.28 -21.48 -15.63
CA LEU C 112 -12.18 -22.35 -15.25
C LEU C 112 -12.56 -23.45 -14.31
N LYS C 113 -13.82 -23.62 -13.94
CA LYS C 113 -14.15 -24.70 -13.04
C LYS C 113 -13.77 -26.07 -13.53
N ASP C 114 -13.34 -26.81 -12.54
CA ASP C 114 -12.92 -28.18 -12.78
C ASP C 114 -13.93 -29.04 -13.52
N GLY C 115 -13.52 -29.61 -14.64
CA GLY C 115 -14.41 -30.46 -15.42
C GLY C 115 -14.98 -29.76 -16.65
N ASN C 116 -15.07 -28.45 -16.67
CA ASN C 116 -15.58 -27.72 -17.81
C ASN C 116 -14.62 -27.78 -18.96
N PRO C 117 -14.98 -27.51 -20.22
CA PRO C 117 -14.10 -27.72 -21.37
C PRO C 117 -12.77 -27.00 -21.36
N ILE C 118 -12.66 -25.69 -21.16
CA ILE C 118 -11.36 -25.06 -21.17
C ILE C 118 -10.38 -25.54 -20.12
N PRO C 119 -10.65 -25.66 -18.82
CA PRO C 119 -9.66 -26.15 -17.86
C PRO C 119 -9.26 -27.56 -18.20
N SER C 120 -10.16 -28.40 -18.66
CA SER C 120 -9.73 -29.75 -18.90
C SER C 120 -8.99 -29.92 -20.23
N ALA C 121 -9.14 -29.02 -21.22
CA ALA C 121 -8.32 -29.07 -22.42
C ALA C 121 -6.89 -28.70 -22.06
N ILE C 122 -6.68 -27.59 -21.35
CA ILE C 122 -5.36 -27.11 -20.91
C ILE C 122 -4.66 -28.20 -20.09
N ALA C 123 -5.41 -28.79 -19.15
CA ALA C 123 -4.85 -29.77 -18.25
C ALA C 123 -4.35 -31.01 -18.95
N ALA C 124 -4.73 -31.16 -20.21
CA ALA C 124 -4.39 -32.36 -20.91
C ALA C 124 -3.59 -32.05 -22.15
N ASN C 125 -2.84 -30.94 -22.21
CA ASN C 125 -2.13 -30.52 -23.42
C ASN C 125 -3.07 -30.63 -24.61
N SER C 126 -4.30 -30.15 -24.62
CA SER C 126 -5.22 -30.42 -25.70
C SER C 126 -6.00 -29.19 -26.14
N GLY C 127 -6.62 -29.24 -27.32
CA GLY C 127 -7.44 -28.18 -27.86
C GLY C 127 -8.87 -28.59 -27.67
N ILE C 128 -9.78 -28.00 -28.43
CA ILE C 128 -11.17 -28.40 -28.34
C ILE C 128 -11.36 -29.44 -29.41
N TYR C 129 -12.20 -30.41 -29.13
CA TYR C 129 -12.49 -31.45 -30.07
C TYR C 129 -13.86 -31.97 -29.81
#